data_8ORR
#
_entry.id   8ORR
#
_cell.length_a   50.095
_cell.length_b   50.095
_cell.length_c   259.774
_cell.angle_alpha   90.000
_cell.angle_beta   90.000
_cell.angle_gamma   90.000
#
_symmetry.space_group_name_H-M   'P 43 21 2'
#
loop_
_entity.id
_entity.type
_entity.pdbx_description
1 polymer 'Outer membrane protein assembly factor BamB'
2 non-polymer 'CADMIUM ION'
3 water water
#
_entity_poly.entity_id   1
_entity_poly.type   'polypeptide(L)'
_entity_poly.pdbx_seq_one_letter_code
;KMSPLPTVENQFTPSTSWSTSVGDGIGEFYSNLHPAFADGVVYAADRKGTVKALNADDGKEVWSVNLAEKDGWFSRTPAL
LSGGVTVSGGHVYIGSEKAQLYALNTSDGTVAWQTRVAGEALSRPVVSDGMVLVHTSNGQLQALNETDGAVKWTVNLDMP
ALSLRGESAPATAYGAAIVGGDNGRVSAVLMQQGQMIWQQRISTATGPTEIDRLNDVDTTPIIVNGVVYALAYNGNLTAL
DLRSGQIMWKRELGSVNDFIVDGNRIYLVDQNDRLLALTTDGGVTLWTQSDLLHRLLTAPVLYNGNLVVGDSEGYMHWVN
PEDGHFVAQQKVDSSGFLTDPVVADGRLLIQAKDGTLYAITR
;
_entity_poly.pdbx_strand_id   AAA
#
# COMPACT_ATOMS: atom_id res chain seq x y z
N LYS A 1 -9.69 10.18 -22.36
CA LYS A 1 -10.08 8.99 -23.16
C LYS A 1 -10.27 7.78 -22.24
N MET A 2 -11.25 7.84 -21.33
CA MET A 2 -11.55 6.74 -20.37
C MET A 2 -12.91 6.12 -20.69
N SER A 3 -13.06 4.85 -20.32
CA SER A 3 -14.28 4.01 -20.50
C SER A 3 -15.44 4.60 -19.70
N PRO A 4 -16.67 4.66 -20.27
CA PRO A 4 -17.83 5.14 -19.53
C PRO A 4 -18.23 4.17 -18.40
N LEU A 5 -18.98 4.64 -17.40
CA LEU A 5 -19.48 3.76 -16.30
C LEU A 5 -20.20 2.57 -16.92
N PRO A 6 -19.81 1.33 -16.56
CA PRO A 6 -20.57 0.15 -16.96
C PRO A 6 -22.01 0.21 -16.42
N THR A 7 -22.94 -0.47 -17.10
CA THR A 7 -24.34 -0.68 -16.64
C THR A 7 -24.39 -1.95 -15.79
N VAL A 8 -24.58 -1.80 -14.48
CA VAL A 8 -24.49 -2.88 -13.45
C VAL A 8 -25.84 -3.01 -12.75
N GLU A 9 -26.41 -4.23 -12.68
CA GLU A 9 -27.52 -4.55 -11.75
C GLU A 9 -26.90 -4.84 -10.37
N ASN A 10 -27.06 -3.91 -9.43
CA ASN A 10 -26.49 -4.01 -8.05
C ASN A 10 -27.17 -5.18 -7.30
N GLN A 11 -26.40 -6.16 -6.83
CA GLN A 11 -26.93 -7.32 -6.06
C GLN A 11 -27.22 -6.89 -4.62
N PHE A 12 -26.62 -5.79 -4.17
CA PHE A 12 -26.86 -5.17 -2.85
C PHE A 12 -26.52 -3.68 -2.97
N THR A 13 -26.88 -2.90 -1.95
CA THR A 13 -26.55 -1.45 -1.87
C THR A 13 -25.57 -1.26 -0.72
N PRO A 14 -24.27 -1.01 -0.99
CA PRO A 14 -23.32 -0.76 0.08
C PRO A 14 -23.82 0.42 0.96
N SER A 15 -23.50 0.35 2.25
CA SER A 15 -23.95 1.32 3.27
C SER A 15 -22.74 1.97 3.93
N THR A 16 -22.72 3.29 4.07
CA THR A 16 -21.69 4.02 4.85
C THR A 16 -22.05 3.94 6.34
N SER A 17 -21.27 3.22 7.14
CA SER A 17 -21.44 3.16 8.61
C SER A 17 -21.10 4.54 9.21
N TRP A 18 -19.99 5.11 8.77
CA TRP A 18 -19.55 6.45 9.21
C TRP A 18 -18.56 7.05 8.22
N SER A 19 -18.37 8.36 8.29
N SER A 19 -18.39 8.38 8.34
CA SER A 19 -17.33 9.09 7.52
CA SER A 19 -17.48 9.21 7.51
C SER A 19 -16.89 10.33 8.29
C SER A 19 -16.88 10.32 8.39
N THR A 20 -15.60 10.63 8.21
CA THR A 20 -14.92 11.70 8.98
C THR A 20 -13.94 12.41 8.04
N SER A 21 -13.82 13.74 8.19
CA SER A 21 -12.76 14.54 7.53
C SER A 21 -11.39 14.25 8.16
N VAL A 22 -10.34 14.31 7.35
CA VAL A 22 -8.92 14.24 7.80
C VAL A 22 -8.17 15.35 7.04
N GLY A 23 -8.19 16.56 7.60
CA GLY A 23 -7.56 17.75 7.00
C GLY A 23 -7.99 17.96 5.56
N ASP A 24 -7.01 18.11 4.65
CA ASP A 24 -7.23 18.43 3.21
C ASP A 24 -6.72 17.29 2.31
N GLY A 25 -6.43 16.13 2.90
CA GLY A 25 -5.98 14.93 2.17
C GLY A 25 -4.65 15.16 1.45
N ILE A 26 -4.56 14.65 0.22
CA ILE A 26 -3.34 14.75 -0.67
C ILE A 26 -3.57 15.74 -1.84
N GLY A 27 -4.78 16.27 -2.01
CA GLY A 27 -5.09 17.21 -3.10
C GLY A 27 -4.75 16.59 -4.44
N GLU A 28 -3.99 17.31 -5.29
CA GLU A 28 -3.65 16.84 -6.66
C GLU A 28 -2.28 16.14 -6.70
N PHE A 29 -1.63 15.92 -5.55
CA PHE A 29 -0.29 15.29 -5.50
C PHE A 29 -0.43 13.76 -5.51
N TYR A 30 0.49 13.07 -6.18
CA TYR A 30 0.60 11.59 -6.04
C TYR A 30 1.02 11.29 -4.61
N SER A 31 0.46 10.22 -4.05
CA SER A 31 0.81 9.76 -2.69
C SER A 31 0.50 8.27 -2.52
N ASN A 32 1.20 7.62 -1.60
CA ASN A 32 0.90 6.26 -1.10
C ASN A 32 0.26 6.29 0.31
N LEU A 33 0.01 7.48 0.87
CA LEU A 33 -0.55 7.65 2.24
C LEU A 33 -1.94 7.01 2.32
N HIS A 34 -2.13 6.02 3.20
CA HIS A 34 -3.42 5.31 3.35
C HIS A 34 -3.75 5.09 4.83
N PRO A 35 -5.02 4.80 5.16
CA PRO A 35 -5.40 4.55 6.55
C PRO A 35 -4.93 3.19 7.07
N ALA A 36 -4.88 3.06 8.39
CA ALA A 36 -4.49 1.82 9.10
C ALA A 36 -5.51 1.47 10.19
N PHE A 37 -5.51 0.21 10.59
CA PHE A 37 -6.41 -0.33 11.64
C PHE A 37 -5.60 -1.22 12.58
N ALA A 38 -5.77 -1.04 13.90
CA ALA A 38 -5.30 -1.99 14.93
C ALA A 38 -6.19 -1.90 16.18
N ASP A 39 -6.58 -3.06 16.73
CA ASP A 39 -7.22 -3.20 18.07
C ASP A 39 -8.32 -2.14 18.26
N GLY A 40 -9.31 -2.17 17.38
CA GLY A 40 -10.56 -1.37 17.48
C GLY A 40 -10.38 0.12 17.15
N VAL A 41 -9.25 0.54 16.61
CA VAL A 41 -8.97 1.97 16.28
C VAL A 41 -8.49 2.11 14.83
N VAL A 42 -9.00 3.13 14.14
CA VAL A 42 -8.53 3.53 12.79
C VAL A 42 -7.59 4.74 12.92
N TYR A 43 -6.47 4.71 12.20
CA TYR A 43 -5.44 5.79 12.19
C TYR A 43 -5.33 6.34 10.76
N ALA A 44 -5.43 7.66 10.57
CA ALA A 44 -5.39 8.27 9.22
C ALA A 44 -4.72 9.64 9.27
N ALA A 45 -4.24 10.12 8.13
CA ALA A 45 -3.45 11.37 8.06
C ALA A 45 -3.72 12.09 6.74
N ASP A 46 -3.25 13.35 6.64
CA ASP A 46 -3.19 14.09 5.35
C ASP A 46 -1.74 14.51 5.09
N ARG A 47 -1.48 15.08 3.91
CA ARG A 47 -0.12 15.44 3.45
C ARG A 47 0.42 16.58 4.33
N LYS A 48 -0.44 17.52 4.74
CA LYS A 48 0.01 18.73 5.47
C LYS A 48 0.48 18.37 6.88
N GLY A 49 -0.07 17.32 7.50
CA GLY A 49 0.42 16.89 8.84
C GLY A 49 -0.66 16.61 9.88
N THR A 50 -1.95 16.73 9.57
CA THR A 50 -3.00 16.25 10.51
C THR A 50 -2.90 14.72 10.64
N VAL A 51 -2.92 14.18 11.87
CA VAL A 51 -3.01 12.72 12.14
C VAL A 51 -4.12 12.50 13.16
N LYS A 52 -4.99 11.53 12.92
N LYS A 52 -5.02 11.53 12.92
CA LYS A 52 -6.15 11.24 13.81
CA LYS A 52 -6.23 11.28 13.74
C LYS A 52 -6.19 9.76 14.16
C LYS A 52 -6.35 9.78 14.09
N ALA A 53 -6.74 9.48 15.34
CA ALA A 53 -7.18 8.15 15.80
C ALA A 53 -8.70 8.20 16.01
N LEU A 54 -9.43 7.25 15.41
CA LEU A 54 -10.92 7.19 15.47
C LEU A 54 -11.35 5.82 15.99
N ASN A 55 -12.40 5.77 16.81
CA ASN A 55 -13.08 4.50 17.20
C ASN A 55 -13.54 3.79 15.90
N ALA A 56 -13.16 2.53 15.69
CA ALA A 56 -13.46 1.81 14.42
C ALA A 56 -14.97 1.63 14.25
N ASP A 57 -15.74 1.60 15.35
CA ASP A 57 -17.20 1.33 15.31
C ASP A 57 -17.98 2.56 14.81
N ASP A 58 -17.59 3.79 15.19
CA ASP A 58 -18.46 4.99 14.97
C ASP A 58 -17.71 6.20 14.36
N GLY A 59 -16.40 6.13 14.13
CA GLY A 59 -15.64 7.24 13.52
C GLY A 59 -15.36 8.39 14.46
N LYS A 60 -15.71 8.26 15.75
CA LYS A 60 -15.55 9.35 16.75
C LYS A 60 -14.08 9.45 17.18
N GLU A 61 -13.63 10.69 17.40
CA GLU A 61 -12.19 11.02 17.57
C GLU A 61 -11.72 10.60 18.97
N VAL A 62 -10.63 9.84 19.02
CA VAL A 62 -9.88 9.47 20.26
C VAL A 62 -8.81 10.53 20.50
N TRP A 63 -8.05 10.90 19.46
CA TRP A 63 -7.05 12.00 19.50
C TRP A 63 -6.82 12.57 18.10
N SER A 64 -6.31 13.80 18.05
CA SER A 64 -5.96 14.53 16.81
C SER A 64 -4.71 15.37 17.07
N VAL A 65 -3.68 15.25 16.23
CA VAL A 65 -2.45 16.09 16.38
C VAL A 65 -2.11 16.69 15.01
N ASN A 66 -1.32 17.79 15.00
CA ASN A 66 -0.93 18.48 13.75
C ASN A 66 0.60 18.54 13.72
N LEU A 67 1.23 17.71 12.90
CA LEU A 67 2.71 17.61 12.80
C LEU A 67 3.29 18.83 12.05
N ALA A 68 2.47 19.63 11.38
CA ALA A 68 2.89 20.92 10.77
C ALA A 68 3.31 21.91 11.88
N GLU A 69 2.79 21.76 13.10
CA GLU A 69 2.92 22.77 14.20
C GLU A 69 3.81 22.30 15.36
N LYS A 70 4.53 21.18 15.19
N LYS A 70 4.53 21.18 15.20
CA LYS A 70 5.37 20.54 16.24
CA LYS A 70 5.34 20.55 16.29
C LYS A 70 6.47 21.49 16.74
C LYS A 70 6.50 21.47 16.69
N ASP A 71 6.57 22.68 16.12
CA ASP A 71 7.62 23.69 16.41
C ASP A 71 6.91 24.98 16.85
N THR A 77 4.51 25.18 8.80
CA THR A 77 4.94 24.70 7.45
C THR A 77 4.55 23.22 7.29
N PRO A 78 4.01 22.81 6.12
CA PRO A 78 3.51 21.44 5.97
C PRO A 78 4.58 20.34 6.15
N ALA A 79 4.20 19.21 6.74
CA ALA A 79 5.11 18.11 7.12
C ALA A 79 5.40 17.21 5.90
N LEU A 80 4.50 17.20 4.92
CA LEU A 80 4.58 16.36 3.69
C LEU A 80 4.60 14.88 4.07
N LEU A 81 3.66 14.46 4.91
CA LEU A 81 3.45 13.02 5.22
C LEU A 81 3.16 12.26 3.92
N SER A 82 3.71 11.05 3.78
CA SER A 82 3.75 10.34 2.47
C SER A 82 3.66 8.83 2.67
N GLY A 83 4.67 8.19 3.26
CA GLY A 83 4.71 6.74 3.50
C GLY A 83 3.94 6.32 4.73
N GLY A 84 3.11 5.27 4.63
CA GLY A 84 2.28 4.79 5.74
C GLY A 84 0.80 5.03 5.45
N VAL A 85 -0.07 4.98 6.47
CA VAL A 85 0.23 4.83 7.88
C VAL A 85 0.42 3.34 8.21
N THR A 86 1.40 3.03 9.08
CA THR A 86 1.64 1.66 9.60
C THR A 86 1.49 1.67 11.13
N VAL A 87 0.80 0.68 11.70
CA VAL A 87 0.61 0.58 13.18
C VAL A 87 1.14 -0.77 13.66
N SER A 88 1.93 -0.76 14.73
CA SER A 88 2.47 -1.98 15.38
C SER A 88 2.97 -1.63 16.78
N GLY A 89 2.75 -2.52 17.75
CA GLY A 89 3.39 -2.44 19.09
C GLY A 89 3.18 -1.09 19.79
N GLY A 90 1.97 -0.52 19.77
CA GLY A 90 1.67 0.75 20.46
C GLY A 90 2.21 1.98 19.75
N HIS A 91 2.73 1.85 18.54
CA HIS A 91 3.28 2.97 17.72
C HIS A 91 2.55 3.11 16.38
N VAL A 92 2.32 4.36 15.98
CA VAL A 92 1.85 4.79 14.63
C VAL A 92 3.07 5.32 13.87
N TYR A 93 3.44 4.69 12.76
CA TYR A 93 4.66 5.04 11.97
C TYR A 93 4.23 5.72 10.68
N ILE A 94 4.78 6.92 10.40
CA ILE A 94 4.50 7.71 9.18
C ILE A 94 5.81 8.31 8.65
N GLY A 95 6.09 8.12 7.36
CA GLY A 95 7.25 8.70 6.65
C GLY A 95 6.89 9.99 5.94
N SER A 96 7.86 10.90 5.72
CA SER A 96 7.60 12.18 5.03
C SER A 96 8.58 12.44 3.87
N GLU A 97 8.22 13.39 3.01
CA GLU A 97 9.04 13.82 1.85
C GLU A 97 10.19 14.71 2.33
N LYS A 98 10.21 15.10 3.60
CA LYS A 98 11.33 15.84 4.22
C LYS A 98 12.30 14.87 4.91
N ALA A 99 12.20 13.57 4.62
CA ALA A 99 13.08 12.48 5.13
C ALA A 99 12.97 12.36 6.67
N GLN A 100 11.75 12.53 7.22
CA GLN A 100 11.45 12.25 8.65
C GLN A 100 10.64 10.95 8.74
N LEU A 101 10.95 10.13 9.75
CA LEU A 101 10.08 8.99 10.16
C LEU A 101 9.55 9.32 11.55
N TYR A 102 8.24 9.48 11.70
CA TYR A 102 7.57 9.75 13.00
C TYR A 102 7.07 8.44 13.63
N ALA A 103 7.25 8.29 14.95
CA ALA A 103 6.65 7.21 15.76
C ALA A 103 5.76 7.88 16.81
N LEU A 104 4.44 7.79 16.64
CA LEU A 104 3.46 8.37 17.59
C LEU A 104 2.91 7.27 18.51
N ASN A 105 2.65 7.62 19.75
CA ASN A 105 1.98 6.69 20.70
C ASN A 105 0.51 6.49 20.28
N THR A 106 0.07 5.24 20.16
CA THR A 106 -1.36 4.90 19.87
C THR A 106 -2.28 5.45 20.97
N SER A 107 -1.83 5.55 22.24
CA SER A 107 -2.65 6.00 23.40
C SER A 107 -3.16 7.42 23.16
N ASP A 108 -2.29 8.35 22.71
CA ASP A 108 -2.62 9.81 22.80
C ASP A 108 -2.06 10.66 21.65
N GLY A 109 -1.39 10.07 20.68
CA GLY A 109 -0.77 10.79 19.54
C GLY A 109 0.50 11.57 19.89
N THR A 110 1.04 11.45 21.09
CA THR A 110 2.33 12.12 21.41
C THR A 110 3.44 11.49 20.57
N VAL A 111 4.45 12.29 20.22
CA VAL A 111 5.66 11.82 19.48
C VAL A 111 6.56 11.04 20.45
N ALA A 112 6.62 9.72 20.34
CA ALA A 112 7.62 8.90 21.05
C ALA A 112 9.02 9.28 20.57
N TRP A 113 9.24 9.23 19.25
CA TRP A 113 10.52 9.65 18.63
C TRP A 113 10.27 10.03 17.17
N GLN A 114 11.26 10.72 16.61
CA GLN A 114 11.28 11.20 15.21
C GLN A 114 12.73 11.09 14.75
N THR A 115 12.97 10.40 13.64
CA THR A 115 14.33 10.20 13.07
C THR A 115 14.42 10.80 11.67
N ARG A 116 15.53 11.51 11.41
CA ARG A 116 15.95 11.94 10.05
C ARG A 116 16.53 10.70 9.36
N VAL A 117 15.74 10.06 8.49
CA VAL A 117 16.15 8.84 7.74
C VAL A 117 16.88 9.28 6.47
N ALA A 118 17.45 8.35 5.70
CA ALA A 118 18.46 8.68 4.66
C ALA A 118 17.87 9.54 3.54
N GLY A 119 16.59 9.37 3.22
CA GLY A 119 15.95 10.08 2.10
C GLY A 119 14.46 10.20 2.27
N GLU A 120 13.76 10.66 1.23
CA GLU A 120 12.29 10.75 1.26
C GLU A 120 11.70 9.38 1.59
N ALA A 121 10.77 9.32 2.52
CA ALA A 121 10.10 8.07 2.96
C ALA A 121 8.72 7.99 2.31
N LEU A 122 8.69 7.54 1.05
CA LEU A 122 7.48 7.57 0.19
C LEU A 122 6.69 6.26 0.31
N SER A 123 7.29 5.24 0.91
CA SER A 123 6.76 3.85 1.02
C SER A 123 6.43 3.53 2.47
N ARG A 124 5.48 2.63 2.70
CA ARG A 124 5.02 2.32 4.07
C ARG A 124 6.18 1.75 4.88
N PRO A 125 6.34 2.20 6.16
CA PRO A 125 7.23 1.49 7.08
C PRO A 125 6.72 0.04 7.30
N VAL A 126 7.66 -0.86 7.56
CA VAL A 126 7.40 -2.31 7.79
C VAL A 126 8.09 -2.74 9.08
N VAL A 127 7.33 -3.37 9.98
CA VAL A 127 7.78 -3.65 11.38
C VAL A 127 7.96 -5.16 11.55
N SER A 128 9.14 -5.57 12.03
CA SER A 128 9.46 -6.99 12.35
C SER A 128 10.65 -7.07 13.31
N ASP A 129 10.60 -8.01 14.27
CA ASP A 129 11.76 -8.42 15.10
C ASP A 129 12.34 -7.23 15.89
N GLY A 130 11.47 -6.32 16.35
CA GLY A 130 11.81 -5.17 17.21
C GLY A 130 12.32 -3.97 16.43
N MET A 131 12.25 -4.02 15.09
CA MET A 131 12.78 -2.95 14.21
C MET A 131 11.71 -2.44 13.24
N VAL A 132 11.86 -1.18 12.81
CA VAL A 132 11.01 -0.61 11.73
C VAL A 132 11.93 -0.32 10.54
N LEU A 133 11.54 -0.85 9.37
CA LEU A 133 12.33 -0.75 8.11
C LEU A 133 11.73 0.34 7.22
N VAL A 134 12.57 1.16 6.61
CA VAL A 134 12.15 2.09 5.52
C VAL A 134 13.08 1.93 4.32
N HIS A 135 12.48 1.75 3.14
CA HIS A 135 13.16 1.87 1.82
C HIS A 135 12.97 3.31 1.34
N THR A 136 14.05 4.10 1.30
CA THR A 136 14.00 5.55 1.03
C THR A 136 14.30 5.79 -0.44
N SER A 137 13.93 6.97 -0.96
CA SER A 137 13.97 7.29 -2.42
C SER A 137 15.41 7.49 -2.92
N ASN A 138 16.42 7.51 -2.04
CA ASN A 138 17.84 7.56 -2.44
C ASN A 138 18.37 6.14 -2.68
N GLY A 139 17.53 5.11 -2.53
CA GLY A 139 17.86 3.72 -2.89
C GLY A 139 18.51 2.96 -1.75
N GLN A 140 18.30 3.41 -0.51
CA GLN A 140 18.87 2.73 0.69
C GLN A 140 17.73 2.08 1.49
N LEU A 141 18.04 1.00 2.20
CA LEU A 141 17.15 0.34 3.19
C LEU A 141 17.75 0.55 4.57
N GLN A 142 16.97 1.11 5.51
CA GLN A 142 17.42 1.40 6.89
C GLN A 142 16.55 0.64 7.89
N ALA A 143 17.17 0.06 8.93
CA ALA A 143 16.47 -0.58 10.06
C ALA A 143 16.65 0.29 11.30
N LEU A 144 15.55 0.70 11.94
CA LEU A 144 15.56 1.56 13.15
C LEU A 144 14.98 0.76 14.33
N ASN A 145 15.52 0.95 15.54
CA ASN A 145 14.91 0.37 16.76
C ASN A 145 13.51 0.93 16.95
N GLU A 146 12.53 0.07 17.28
CA GLU A 146 11.16 0.52 17.62
C GLU A 146 11.19 1.37 18.91
N THR A 147 12.16 1.17 19.79
CA THR A 147 12.16 1.81 21.13
C THR A 147 12.63 3.27 21.07
N ASP A 148 13.63 3.61 20.25
CA ASP A 148 14.19 4.99 20.23
C ASP A 148 14.43 5.54 18.81
N GLY A 149 14.11 4.78 17.76
CA GLY A 149 14.35 5.24 16.37
C GLY A 149 15.82 5.36 15.99
N ALA A 150 16.77 4.80 16.75
CA ALA A 150 18.20 4.80 16.38
C ALA A 150 18.41 3.95 15.11
N VAL A 151 19.24 4.42 14.17
CA VAL A 151 19.57 3.66 12.94
C VAL A 151 20.52 2.52 13.34
N LYS A 152 20.06 1.28 13.20
CA LYS A 152 20.85 0.04 13.46
C LYS A 152 21.75 -0.28 12.28
N TRP A 153 21.24 -0.18 11.05
CA TRP A 153 22.04 -0.42 9.83
C TRP A 153 21.40 0.23 8.61
N THR A 154 22.24 0.47 7.59
CA THR A 154 21.88 1.05 6.28
C THR A 154 22.53 0.21 5.19
N VAL A 155 21.73 -0.25 4.22
CA VAL A 155 22.16 -1.12 3.09
C VAL A 155 21.85 -0.38 1.77
N ASN A 156 22.77 -0.46 0.81
CA ASN A 156 22.58 0.10 -0.55
C ASN A 156 21.91 -0.94 -1.44
N LEU A 157 20.73 -0.63 -1.98
CA LEU A 157 19.89 -1.62 -2.73
C LEU A 157 19.73 -1.21 -4.19
N ASP A 158 19.08 -0.10 -4.50
CA ASP A 158 18.73 0.29 -5.89
C ASP A 158 19.22 1.73 -6.12
N MET A 159 18.74 2.38 -7.20
CA MET A 159 19.25 3.69 -7.66
C MET A 159 18.40 4.79 -7.03
N PRO A 160 18.97 6.00 -6.80
CA PRO A 160 18.16 7.16 -6.43
C PRO A 160 17.11 7.42 -7.52
N ALA A 161 15.85 7.62 -7.11
CA ALA A 161 14.65 7.44 -7.96
C ALA A 161 14.55 8.58 -8.97
N LEU A 162 14.06 8.26 -10.18
CA LEU A 162 13.79 9.21 -11.30
C LEU A 162 12.28 9.38 -11.49
N SER A 163 11.47 8.68 -10.68
CA SER A 163 9.98 8.76 -10.65
C SER A 163 9.55 9.12 -9.22
N LEU A 164 8.43 9.82 -9.08
CA LEU A 164 7.77 10.08 -7.77
C LEU A 164 6.56 9.17 -7.60
N ARG A 165 6.14 8.47 -8.66
CA ARG A 165 4.98 7.53 -8.65
C ARG A 165 5.48 6.15 -8.18
N GLY A 166 4.54 5.24 -7.90
CA GLY A 166 4.82 3.87 -7.46
C GLY A 166 5.15 3.80 -5.97
N GLU A 167 5.40 2.58 -5.50
CA GLU A 167 5.72 2.29 -4.07
C GLU A 167 6.72 1.14 -4.07
N SER A 168 7.60 1.06 -3.07
CA SER A 168 8.59 -0.04 -2.97
C SER A 168 8.89 -0.32 -1.50
N ALA A 169 7.97 -0.92 -0.77
CA ALA A 169 8.20 -1.22 0.67
C ALA A 169 8.91 -2.57 0.78
N PRO A 170 9.58 -2.87 1.90
CA PRO A 170 10.08 -4.22 2.14
C PRO A 170 8.95 -5.20 2.51
N ALA A 171 9.23 -6.50 2.44
CA ALA A 171 8.37 -7.58 3.00
C ALA A 171 9.22 -8.47 3.92
N THR A 172 8.72 -8.83 5.09
CA THR A 172 9.53 -9.62 6.08
C THR A 172 8.97 -11.03 6.24
N ALA A 173 9.87 -12.00 6.46
CA ALA A 173 9.56 -13.40 6.82
C ALA A 173 10.80 -14.07 7.44
N TYR A 174 10.65 -14.63 8.64
CA TYR A 174 11.64 -15.53 9.31
C TYR A 174 13.03 -14.88 9.38
N GLY A 175 13.09 -13.62 9.83
CA GLY A 175 14.34 -12.91 10.12
C GLY A 175 15.00 -12.29 8.91
N ALA A 176 14.32 -12.27 7.75
CA ALA A 176 14.81 -11.72 6.47
C ALA A 176 13.87 -10.59 6.01
N ALA A 177 14.42 -9.56 5.37
CA ALA A 177 13.70 -8.50 4.64
C ALA A 177 13.93 -8.72 3.14
N ILE A 178 12.85 -8.80 2.36
N ILE A 178 12.84 -8.81 2.38
CA ILE A 178 12.89 -8.97 0.88
CA ILE A 178 12.87 -8.93 0.90
C ILE A 178 12.42 -7.67 0.23
C ILE A 178 12.47 -7.58 0.31
N VAL A 179 13.26 -7.07 -0.62
CA VAL A 179 13.04 -5.71 -1.20
C VAL A 179 13.18 -5.79 -2.72
N GLY A 180 12.25 -5.16 -3.44
CA GLY A 180 12.37 -4.88 -4.87
C GLY A 180 12.90 -3.47 -5.05
N GLY A 181 12.62 -2.85 -6.19
CA GLY A 181 13.02 -1.45 -6.42
C GLY A 181 13.05 -1.12 -7.89
N ASP A 182 13.86 -0.13 -8.26
CA ASP A 182 13.74 0.57 -9.56
C ASP A 182 14.76 0.01 -10.58
N ASN A 183 15.45 -1.11 -10.29
CA ASN A 183 16.58 -1.58 -11.13
C ASN A 183 16.46 -3.07 -11.46
N GLY A 184 15.24 -3.63 -11.37
CA GLY A 184 14.92 -4.98 -11.88
C GLY A 184 15.53 -6.08 -11.04
N ARG A 185 15.81 -5.82 -9.77
CA ARG A 185 16.39 -6.84 -8.85
C ARG A 185 15.47 -7.02 -7.64
N VAL A 186 15.48 -8.23 -7.07
CA VAL A 186 14.89 -8.53 -5.75
C VAL A 186 16.05 -8.99 -4.85
N SER A 187 16.14 -8.40 -3.65
CA SER A 187 17.23 -8.68 -2.68
C SER A 187 16.64 -9.24 -1.39
N ALA A 188 17.38 -10.14 -0.72
CA ALA A 188 17.05 -10.69 0.62
C ALA A 188 18.19 -10.36 1.57
N VAL A 189 17.89 -9.73 2.72
CA VAL A 189 18.92 -9.36 3.74
C VAL A 189 18.49 -9.82 5.13
N LEU A 190 19.45 -10.27 5.95
CA LEU A 190 19.22 -10.65 7.36
C LEU A 190 18.89 -9.40 8.19
N MET A 191 17.84 -9.48 9.02
CA MET A 191 17.36 -8.36 9.87
C MET A 191 18.40 -8.02 10.95
N GLN A 192 19.21 -8.99 11.40
CA GLN A 192 20.18 -8.79 12.51
C GLN A 192 21.11 -7.59 12.21
N GLN A 193 21.83 -7.64 11.09
CA GLN A 193 22.92 -6.67 10.76
C GLN A 193 22.88 -6.24 9.28
N GLY A 194 21.85 -6.63 8.52
CA GLY A 194 21.69 -6.19 7.11
C GLY A 194 22.56 -6.97 6.13
N GLN A 195 23.06 -8.14 6.51
CA GLN A 195 23.90 -9.01 5.65
C GLN A 195 23.10 -9.50 4.44
N MET A 196 23.63 -9.35 3.22
CA MET A 196 23.02 -9.83 1.97
C MET A 196 22.97 -11.37 2.00
N ILE A 197 21.79 -11.96 1.76
CA ILE A 197 21.56 -13.44 1.71
C ILE A 197 21.58 -13.90 0.25
N TRP A 198 20.73 -13.30 -0.60
CA TRP A 198 20.67 -13.54 -2.07
C TRP A 198 20.22 -12.26 -2.79
N GLN A 199 20.52 -12.21 -4.09
CA GLN A 199 20.02 -11.15 -5.00
C GLN A 199 19.74 -11.79 -6.36
N GLN A 200 18.59 -11.47 -6.94
CA GLN A 200 18.09 -12.09 -8.21
C GLN A 200 17.66 -11.00 -9.18
N ARG A 201 18.07 -11.08 -10.45
CA ARG A 201 17.57 -10.20 -11.53
C ARG A 201 16.24 -10.78 -12.05
N ILE A 202 15.16 -9.98 -12.06
CA ILE A 202 13.83 -10.40 -12.59
C ILE A 202 13.52 -9.62 -13.88
N SER A 203 14.44 -8.77 -14.33
CA SER A 203 14.27 -7.91 -15.52
C SER A 203 15.63 -7.42 -16.04
N THR A 204 15.82 -7.43 -17.37
CA THR A 204 17.08 -7.06 -18.08
C THR A 204 17.06 -5.56 -18.41
N ARG A 213 10.32 9.70 -15.09
CA ARG A 213 9.39 8.66 -15.61
C ARG A 213 8.05 8.76 -14.85
N LEU A 214 6.96 8.34 -15.49
CA LEU A 214 5.60 8.24 -14.90
C LEU A 214 5.33 6.79 -14.50
N ASN A 215 6.40 6.06 -14.12
CA ASN A 215 6.34 4.62 -13.74
C ASN A 215 5.53 4.51 -12.45
N ASP A 216 4.43 3.75 -12.47
CA ASP A 216 3.46 3.70 -11.35
C ASP A 216 3.36 2.26 -10.82
N VAL A 217 4.46 1.51 -10.83
CA VAL A 217 4.50 0.08 -10.40
C VAL A 217 4.76 0.00 -8.89
N ASP A 218 3.95 -0.78 -8.16
CA ASP A 218 4.25 -1.15 -6.76
C ASP A 218 5.22 -2.34 -6.78
N THR A 219 6.51 -2.11 -6.53
CA THR A 219 7.56 -3.18 -6.56
C THR A 219 7.72 -3.83 -5.17
N THR A 220 6.86 -3.52 -4.20
CA THR A 220 6.78 -4.22 -2.88
C THR A 220 6.59 -5.72 -3.12
N PRO A 221 7.50 -6.61 -2.69
CA PRO A 221 7.24 -8.05 -2.77
C PRO A 221 6.11 -8.48 -1.82
N ILE A 222 5.44 -9.58 -2.17
CA ILE A 222 4.42 -10.23 -1.30
C ILE A 222 4.85 -11.68 -1.06
N ILE A 223 4.97 -12.08 0.21
CA ILE A 223 5.45 -13.43 0.62
C ILE A 223 4.23 -14.24 1.09
N VAL A 224 3.99 -15.41 0.47
CA VAL A 224 2.92 -16.37 0.88
C VAL A 224 3.47 -17.81 0.76
N ASN A 225 3.50 -18.55 1.88
CA ASN A 225 3.82 -19.99 1.97
C ASN A 225 5.18 -20.27 1.31
N GLY A 226 6.21 -19.52 1.69
CA GLY A 226 7.61 -19.71 1.25
C GLY A 226 7.86 -19.32 -0.20
N VAL A 227 6.96 -18.55 -0.82
CA VAL A 227 7.15 -18.02 -2.20
C VAL A 227 7.09 -16.48 -2.14
N VAL A 228 8.00 -15.84 -2.89
CA VAL A 228 8.03 -14.37 -3.10
C VAL A 228 7.39 -14.07 -4.45
N TYR A 229 6.37 -13.21 -4.50
CA TYR A 229 5.75 -12.69 -5.74
C TYR A 229 6.16 -11.22 -5.89
N ALA A 230 6.65 -10.82 -7.07
CA ALA A 230 7.21 -9.46 -7.31
C ALA A 230 6.89 -8.97 -8.73
N LEU A 231 6.53 -7.68 -8.86
CA LEU A 231 6.36 -6.94 -10.13
C LEU A 231 7.67 -6.21 -10.51
N ALA A 232 7.93 -6.08 -11.81
CA ALA A 232 9.06 -5.28 -12.37
C ALA A 232 8.55 -4.31 -13.45
N TYR A 233 9.43 -3.39 -13.86
CA TYR A 233 9.18 -2.25 -14.77
C TYR A 233 8.75 -2.73 -16.18
N ASN A 234 9.15 -3.93 -16.59
CA ASN A 234 9.00 -4.45 -17.97
C ASN A 234 7.60 -5.04 -18.19
N GLY A 235 6.77 -5.10 -17.13
CA GLY A 235 5.42 -5.67 -17.18
C GLY A 235 5.40 -7.15 -16.83
N ASN A 236 6.39 -7.60 -16.06
CA ASN A 236 6.56 -9.02 -15.67
C ASN A 236 6.10 -9.18 -14.23
N LEU A 237 5.43 -10.30 -13.96
CA LEU A 237 5.16 -10.82 -12.60
C LEU A 237 6.04 -12.06 -12.44
N THR A 238 6.78 -12.18 -11.34
CA THR A 238 7.76 -13.28 -11.14
C THR A 238 7.54 -13.92 -9.76
N ALA A 239 7.66 -15.25 -9.68
CA ALA A 239 7.65 -16.04 -8.42
C ALA A 239 9.06 -16.54 -8.12
N LEU A 240 9.53 -16.34 -6.88
CA LEU A 240 10.89 -16.73 -6.41
C LEU A 240 10.79 -17.61 -5.17
N ASP A 241 11.67 -18.61 -5.04
CA ASP A 241 11.81 -19.41 -3.80
C ASP A 241 12.42 -18.52 -2.70
N LEU A 242 11.67 -18.36 -1.58
CA LEU A 242 12.03 -17.47 -0.44
C LEU A 242 13.44 -17.80 0.07
N ARG A 243 13.77 -19.07 0.28
CA ARG A 243 15.04 -19.46 0.93
C ARG A 243 16.26 -19.17 0.02
N SER A 244 16.11 -19.31 -1.31
CA SER A 244 17.24 -19.29 -2.27
C SER A 244 17.19 -18.12 -3.28
N GLY A 245 16.01 -17.56 -3.57
CA GLY A 245 15.82 -16.53 -4.60
C GLY A 245 15.64 -17.12 -6.00
N GLN A 246 15.75 -18.46 -6.14
CA GLN A 246 15.60 -19.16 -7.44
C GLN A 246 14.26 -18.73 -8.05
N ILE A 247 14.24 -18.50 -9.38
CA ILE A 247 12.99 -18.14 -10.12
C ILE A 247 12.21 -19.44 -10.37
N MET A 248 10.96 -19.50 -9.91
CA MET A 248 10.03 -20.66 -10.04
C MET A 248 9.20 -20.53 -11.32
N TRP A 249 8.69 -19.33 -11.62
CA TRP A 249 8.02 -19.01 -12.91
C TRP A 249 7.94 -17.49 -13.13
N LYS A 250 7.69 -17.12 -14.38
CA LYS A 250 7.63 -15.71 -14.86
C LYS A 250 6.42 -15.58 -15.80
N ARG A 251 5.70 -14.47 -15.71
CA ARG A 251 4.51 -14.23 -16.56
C ARG A 251 4.65 -12.85 -17.25
N GLU A 252 4.66 -12.84 -18.58
CA GLU A 252 4.84 -11.64 -19.44
C GLU A 252 3.48 -10.99 -19.70
N LEU A 253 3.06 -10.11 -18.81
CA LEU A 253 1.82 -9.29 -18.95
C LEU A 253 2.22 -7.96 -19.60
N GLY A 254 1.25 -7.23 -20.17
CA GLY A 254 1.50 -5.97 -20.89
C GLY A 254 2.37 -5.03 -20.07
N SER A 255 1.85 -4.60 -18.91
CA SER A 255 2.56 -3.81 -17.88
C SER A 255 1.67 -3.68 -16.63
N VAL A 256 2.09 -4.31 -15.53
CA VAL A 256 1.30 -4.40 -14.27
C VAL A 256 1.59 -3.17 -13.42
N ASN A 257 0.62 -2.73 -12.60
CA ASN A 257 0.73 -1.56 -11.70
C ASN A 257 0.67 -2.01 -10.24
N ASP A 258 -0.27 -2.89 -9.88
N ASP A 258 -0.34 -2.82 -9.87
CA ASP A 258 -0.48 -3.27 -8.46
CA ASP A 258 -0.65 -3.21 -8.46
C ASP A 258 -1.18 -4.63 -8.36
C ASP A 258 -1.11 -4.67 -8.40
N PHE A 259 -0.99 -5.31 -7.23
CA PHE A 259 -1.55 -6.66 -7.02
C PHE A 259 -1.65 -7.02 -5.53
N ILE A 260 -2.41 -8.09 -5.27
CA ILE A 260 -2.54 -8.76 -3.95
C ILE A 260 -2.43 -10.27 -4.18
N VAL A 261 -2.11 -11.02 -3.11
CA VAL A 261 -2.11 -12.51 -3.12
C VAL A 261 -2.96 -12.97 -1.93
N ASP A 262 -3.94 -13.83 -2.17
CA ASP A 262 -4.82 -14.42 -1.12
C ASP A 262 -4.89 -15.94 -1.37
N GLY A 263 -4.24 -16.71 -0.50
CA GLY A 263 -4.13 -18.17 -0.65
C GLY A 263 -3.45 -18.53 -1.96
N ASN A 264 -4.18 -19.18 -2.87
CA ASN A 264 -3.60 -19.61 -4.16
C ASN A 264 -4.12 -18.73 -5.30
N ARG A 265 -4.61 -17.51 -5.01
CA ARG A 265 -5.07 -16.55 -6.06
C ARG A 265 -4.26 -15.25 -6.03
N ILE A 266 -3.99 -14.73 -7.23
CA ILE A 266 -3.38 -13.38 -7.44
C ILE A 266 -4.42 -12.50 -8.13
N TYR A 267 -4.65 -11.28 -7.61
CA TYR A 267 -5.56 -10.28 -8.22
C TYR A 267 -4.71 -9.05 -8.57
N LEU A 268 -4.66 -8.68 -9.86
N LEU A 268 -4.81 -8.57 -9.82
CA LEU A 268 -3.80 -7.56 -10.31
CA LEU A 268 -3.82 -7.65 -10.42
C LEU A 268 -4.62 -6.51 -11.04
C LEU A 268 -4.53 -6.55 -11.23
N VAL A 269 -4.06 -5.30 -11.11
CA VAL A 269 -4.53 -4.17 -11.97
C VAL A 269 -3.35 -3.80 -12.87
N ASP A 270 -3.54 -3.69 -14.19
CA ASP A 270 -2.43 -3.37 -15.12
C ASP A 270 -2.45 -1.86 -15.37
N GLN A 271 -1.50 -1.37 -16.18
CA GLN A 271 -1.28 0.10 -16.37
C GLN A 271 -2.49 0.71 -17.09
N ASN A 272 -3.30 -0.10 -17.77
CA ASN A 272 -4.51 0.36 -18.50
C ASN A 272 -5.79 0.15 -17.68
N ASP A 273 -5.67 -0.31 -16.43
CA ASP A 273 -6.79 -0.54 -15.46
C ASP A 273 -7.61 -1.78 -15.85
N ARG A 274 -7.00 -2.75 -16.54
CA ARG A 274 -7.56 -4.12 -16.65
C ARG A 274 -7.39 -4.82 -15.30
N LEU A 275 -8.40 -5.61 -14.91
N LEU A 275 -8.43 -5.55 -14.86
CA LEU A 275 -8.40 -6.41 -13.67
CA LEU A 275 -8.40 -6.44 -13.67
C LEU A 275 -8.23 -7.88 -14.07
C LEU A 275 -8.17 -7.86 -14.13
N LEU A 276 -7.24 -8.58 -13.49
CA LEU A 276 -6.97 -10.02 -13.81
C LEU A 276 -6.92 -10.84 -12.53
N ALA A 277 -7.38 -12.09 -12.62
CA ALA A 277 -7.17 -13.15 -11.60
C ALA A 277 -6.25 -14.22 -12.19
N LEU A 278 -5.18 -14.60 -11.47
CA LEU A 278 -4.25 -15.71 -11.84
C LEU A 278 -4.18 -16.74 -10.71
N THR A 279 -3.79 -17.97 -11.05
N THR A 279 -3.78 -17.97 -11.02
CA THR A 279 -3.37 -19.03 -10.09
CA THR A 279 -3.47 -19.03 -10.00
C THR A 279 -1.97 -18.68 -9.57
C THR A 279 -1.98 -18.92 -9.64
N THR A 280 -1.64 -19.09 -8.34
CA THR A 280 -0.25 -19.10 -7.83
C THR A 280 0.52 -20.30 -8.42
N ASP A 281 -0.20 -21.29 -8.96
CA ASP A 281 0.34 -22.48 -9.68
C ASP A 281 0.67 -22.07 -11.12
N GLY A 282 1.78 -21.36 -11.32
CA GLY A 282 2.38 -21.05 -12.64
C GLY A 282 1.93 -19.71 -13.23
N GLY A 283 1.06 -18.95 -12.54
CA GLY A 283 0.62 -17.61 -12.98
C GLY A 283 -0.32 -17.67 -14.18
N VAL A 284 -1.12 -18.74 -14.29
CA VAL A 284 -2.11 -18.94 -15.39
C VAL A 284 -3.29 -18.00 -15.13
N THR A 285 -3.81 -17.33 -16.17
CA THR A 285 -4.97 -16.43 -16.02
C THR A 285 -6.25 -17.26 -15.89
N LEU A 286 -7.10 -16.89 -14.92
CA LEU A 286 -8.47 -17.45 -14.71
C LEU A 286 -9.50 -16.57 -15.42
N TRP A 287 -9.41 -15.25 -15.28
CA TRP A 287 -10.33 -14.28 -15.94
C TRP A 287 -9.70 -12.89 -16.08
N THR A 288 -10.30 -12.08 -16.95
CA THR A 288 -10.01 -10.65 -17.18
C THR A 288 -11.31 -9.85 -17.16
N GLN A 289 -11.25 -8.61 -16.68
CA GLN A 289 -12.37 -7.62 -16.72
C GLN A 289 -11.75 -6.30 -17.17
N SER A 290 -12.19 -5.79 -18.33
CA SER A 290 -11.57 -4.64 -19.05
C SER A 290 -12.53 -3.45 -19.20
N ASP A 291 -13.70 -3.46 -18.53
CA ASP A 291 -14.72 -2.38 -18.73
C ASP A 291 -14.33 -1.10 -17.95
N LEU A 292 -13.30 -1.12 -17.10
CA LEU A 292 -12.89 0.11 -16.37
C LEU A 292 -11.64 0.76 -17.01
N LEU A 293 -11.37 0.48 -18.28
CA LEU A 293 -10.11 0.89 -18.97
C LEU A 293 -9.91 2.41 -18.82
N HIS A 294 -8.73 2.80 -18.33
CA HIS A 294 -8.23 4.20 -18.19
C HIS A 294 -9.04 5.01 -17.15
N ARG A 295 -9.79 4.36 -16.25
CA ARG A 295 -10.54 5.10 -15.18
C ARG A 295 -9.63 5.36 -13.97
N LEU A 296 -8.39 4.87 -13.97
CA LEU A 296 -7.32 5.13 -12.95
C LEU A 296 -7.76 4.52 -11.61
N LEU A 297 -7.56 3.21 -11.45
CA LEU A 297 -8.04 2.43 -10.28
C LEU A 297 -7.05 2.50 -9.11
N THR A 298 -7.58 2.33 -7.91
CA THR A 298 -6.80 2.01 -6.70
C THR A 298 -6.27 0.58 -6.80
N ALA A 299 -5.39 0.18 -5.88
CA ALA A 299 -5.07 -1.23 -5.62
C ALA A 299 -6.36 -1.95 -5.24
N PRO A 300 -6.51 -3.26 -5.55
CA PRO A 300 -7.67 -4.02 -5.12
C PRO A 300 -7.53 -4.45 -3.65
N VAL A 301 -8.67 -4.67 -3.00
CA VAL A 301 -8.75 -5.28 -1.64
C VAL A 301 -9.79 -6.41 -1.70
N LEU A 302 -9.52 -7.53 -1.03
CA LEU A 302 -10.50 -8.61 -0.80
C LEU A 302 -11.27 -8.29 0.48
N TYR A 303 -12.57 -8.05 0.36
CA TYR A 303 -13.46 -7.70 1.50
C TYR A 303 -14.72 -8.59 1.46
N ASN A 304 -14.85 -9.49 2.44
CA ASN A 304 -16.04 -10.35 2.67
C ASN A 304 -16.50 -10.97 1.35
N GLY A 305 -15.57 -11.61 0.63
CA GLY A 305 -15.84 -12.40 -0.59
C GLY A 305 -16.01 -11.57 -1.85
N ASN A 306 -15.72 -10.26 -1.80
CA ASN A 306 -15.73 -9.35 -2.98
C ASN A 306 -14.36 -8.69 -3.15
N LEU A 307 -13.97 -8.49 -4.41
CA LEU A 307 -12.80 -7.69 -4.80
C LEU A 307 -13.29 -6.26 -5.03
N VAL A 308 -12.70 -5.27 -4.37
CA VAL A 308 -13.18 -3.87 -4.47
C VAL A 308 -12.04 -2.94 -4.92
N VAL A 309 -12.33 -2.01 -5.82
CA VAL A 309 -11.40 -0.90 -6.26
C VAL A 309 -12.16 0.42 -6.28
N GLY A 310 -11.49 1.52 -5.97
CA GLY A 310 -11.96 2.90 -6.25
C GLY A 310 -11.44 3.42 -7.58
N ASP A 311 -12.00 4.52 -8.10
CA ASP A 311 -11.48 5.16 -9.33
C ASP A 311 -11.33 6.68 -9.17
N SER A 312 -10.65 7.31 -10.12
CA SER A 312 -10.33 8.77 -10.07
C SER A 312 -11.61 9.63 -10.09
N GLU A 313 -12.75 9.09 -10.53
CA GLU A 313 -14.03 9.83 -10.64
C GLU A 313 -14.85 9.71 -9.34
N GLY A 314 -14.38 8.91 -8.37
CA GLY A 314 -15.00 8.77 -7.04
C GLY A 314 -15.98 7.61 -6.91
N TYR A 315 -15.95 6.65 -7.82
CA TYR A 315 -16.79 5.43 -7.78
C TYR A 315 -16.02 4.28 -7.10
N MET A 316 -16.77 3.40 -6.45
CA MET A 316 -16.26 2.08 -5.99
C MET A 316 -16.95 0.98 -6.82
N HIS A 317 -16.17 0.00 -7.24
CA HIS A 317 -16.60 -1.13 -8.10
C HIS A 317 -16.38 -2.42 -7.31
N TRP A 318 -17.42 -3.23 -7.14
CA TRP A 318 -17.40 -4.50 -6.36
C TRP A 318 -17.45 -5.67 -7.33
N VAL A 319 -16.47 -6.58 -7.27
CA VAL A 319 -16.25 -7.63 -8.31
C VAL A 319 -16.36 -9.00 -7.63
N ASN A 320 -17.01 -9.96 -8.29
CA ASN A 320 -17.00 -11.40 -7.90
C ASN A 320 -15.62 -11.99 -8.20
N PRO A 321 -14.84 -12.38 -7.18
CA PRO A 321 -13.49 -12.91 -7.43
C PRO A 321 -13.48 -14.22 -8.24
N GLU A 322 -14.62 -14.93 -8.35
CA GLU A 322 -14.64 -16.20 -9.11
C GLU A 322 -14.60 -15.93 -10.62
N ASP A 323 -15.24 -14.86 -11.12
CA ASP A 323 -15.43 -14.69 -12.60
C ASP A 323 -15.22 -13.26 -13.10
N GLY A 324 -14.91 -12.30 -12.22
CA GLY A 324 -14.64 -10.92 -12.65
C GLY A 324 -15.90 -10.14 -13.02
N HIS A 325 -17.09 -10.62 -12.64
CA HIS A 325 -18.37 -9.92 -12.91
C HIS A 325 -18.65 -8.87 -11.84
N PHE A 326 -19.16 -7.71 -12.24
CA PHE A 326 -19.57 -6.65 -11.27
C PHE A 326 -20.82 -7.09 -10.50
N VAL A 327 -20.77 -6.96 -9.18
CA VAL A 327 -21.92 -7.21 -8.27
C VAL A 327 -22.50 -5.91 -7.70
N ALA A 328 -21.75 -4.80 -7.69
CA ALA A 328 -22.24 -3.47 -7.23
C ALA A 328 -21.34 -2.34 -7.76
N GLN A 329 -21.93 -1.15 -7.94
CA GLN A 329 -21.25 0.08 -8.38
C GLN A 329 -21.89 1.23 -7.59
N GLN A 330 -21.08 2.11 -7.00
CA GLN A 330 -21.60 3.20 -6.15
C GLN A 330 -20.70 4.43 -6.25
N LYS A 331 -21.30 5.62 -6.43
CA LYS A 331 -20.60 6.92 -6.32
C LYS A 331 -20.43 7.25 -4.82
N VAL A 332 -19.20 7.53 -4.38
CA VAL A 332 -18.92 7.78 -2.92
C VAL A 332 -18.31 9.17 -2.65
N ASP A 333 -17.32 9.66 -3.40
CA ASP A 333 -16.71 11.00 -3.13
C ASP A 333 -16.25 11.64 -4.44
N SER A 334 -16.74 12.86 -4.70
CA SER A 334 -16.48 13.65 -5.93
C SER A 334 -14.99 13.91 -6.15
N SER A 335 -14.15 13.94 -5.11
CA SER A 335 -12.70 14.26 -5.24
C SER A 335 -11.92 13.07 -5.80
N GLY A 336 -12.48 11.86 -5.77
CA GLY A 336 -11.87 10.67 -6.39
C GLY A 336 -11.02 9.88 -5.40
N PHE A 337 -10.59 8.69 -5.80
CA PHE A 337 -9.80 7.74 -4.99
C PHE A 337 -8.45 7.50 -5.69
N LEU A 338 -7.43 7.20 -4.91
CA LEU A 338 -6.05 6.90 -5.40
C LEU A 338 -5.36 5.86 -4.50
N THR A 339 -5.36 6.09 -3.18
CA THR A 339 -4.58 5.29 -2.22
C THR A 339 -5.34 4.01 -1.83
N ASP A 340 -4.65 3.10 -1.16
CA ASP A 340 -5.13 1.73 -0.90
C ASP A 340 -6.37 1.74 -0.01
N PRO A 341 -7.43 1.00 -0.38
CA PRO A 341 -8.50 0.67 0.57
C PRO A 341 -7.97 -0.41 1.52
N VAL A 342 -8.50 -0.49 2.75
CA VAL A 342 -8.05 -1.44 3.81
C VAL A 342 -9.27 -2.02 4.54
N VAL A 343 -9.19 -3.28 4.97
CA VAL A 343 -10.23 -3.91 5.83
C VAL A 343 -9.99 -3.53 7.31
N ALA A 344 -11.05 -3.14 8.02
CA ALA A 344 -11.00 -2.66 9.44
C ALA A 344 -12.24 -3.11 10.20
N ASP A 345 -12.10 -4.10 11.08
CA ASP A 345 -13.18 -4.50 12.02
C ASP A 345 -14.45 -4.84 11.25
N GLY A 346 -14.34 -5.64 10.19
CA GLY A 346 -15.51 -6.13 9.42
C GLY A 346 -16.08 -5.08 8.49
N ARG A 347 -15.39 -3.94 8.32
CA ARG A 347 -15.80 -2.83 7.42
C ARG A 347 -14.68 -2.58 6.38
N LEU A 348 -15.03 -1.97 5.25
CA LEU A 348 -14.04 -1.54 4.24
C LEU A 348 -13.75 -0.04 4.45
N LEU A 349 -12.50 0.31 4.70
CA LEU A 349 -12.02 1.71 4.89
C LEU A 349 -11.45 2.22 3.57
N ILE A 350 -11.81 3.42 3.15
CA ILE A 350 -11.17 4.06 1.97
C ILE A 350 -11.12 5.56 2.21
N GLN A 351 -10.03 6.20 1.75
CA GLN A 351 -9.79 7.65 1.92
C GLN A 351 -9.81 8.32 0.54
N ALA A 352 -10.61 9.38 0.38
CA ALA A 352 -10.68 10.20 -0.86
C ALA A 352 -9.44 11.11 -0.96
N LYS A 353 -9.17 11.63 -2.16
CA LYS A 353 -8.07 12.58 -2.43
C LYS A 353 -8.19 13.84 -1.54
N ASP A 354 -9.42 14.29 -1.22
CA ASP A 354 -9.60 15.48 -0.34
C ASP A 354 -9.54 15.09 1.15
N GLY A 355 -9.21 13.84 1.49
CA GLY A 355 -8.92 13.40 2.87
C GLY A 355 -10.08 12.69 3.57
N THR A 356 -11.30 12.79 3.02
CA THR A 356 -12.51 12.22 3.67
C THR A 356 -12.36 10.69 3.78
N LEU A 357 -12.60 10.14 4.96
CA LEU A 357 -12.47 8.69 5.29
C LEU A 357 -13.87 8.09 5.36
N TYR A 358 -14.12 6.97 4.67
CA TYR A 358 -15.43 6.25 4.65
C TYR A 358 -15.22 4.85 5.24
N ALA A 359 -16.15 4.41 6.09
CA ALA A 359 -16.22 3.01 6.59
C ALA A 359 -17.52 2.38 6.07
N ILE A 360 -17.40 1.39 5.17
CA ILE A 360 -18.53 0.87 4.33
C ILE A 360 -18.74 -0.63 4.59
N THR A 361 -19.99 -1.07 4.64
CA THR A 361 -20.35 -2.52 4.76
C THR A 361 -21.25 -2.95 3.59
N ARG A 362 -21.30 -4.27 3.37
CA ARG A 362 -22.20 -5.06 2.48
C ARG A 362 -21.40 -5.57 1.29
#